data_3KZX
#
_entry.id   3KZX
#
_cell.length_a   33.900
_cell.length_b   63.810
_cell.length_c   120.290
_cell.angle_alpha   90.00
_cell.angle_beta   90.00
_cell.angle_gamma   90.00
#
_symmetry.space_group_name_H-M   'P 21 21 21'
#
loop_
_entity.id
_entity.type
_entity.pdbx_description
1 polymer 'HAD-superfamily hydrolase, subfamily IA, variant 1'
2 non-polymer 'SULFATE ION'
3 water water
#
_entity_poly.entity_id   1
_entity_poly.type   'polypeptide(L)'
_entity_poly.pdbx_seq_one_letter_code
;MAHHHHHHMGTLEAQTQGPGSMKQPTAVIFDWYNTLIDTSINIDRTTFYQVLDQMGYKNIDLDSIPNSTIPKYLITLLGK
RWKEATILYENSLEKSQKSDNFMLNDGAIELLDTLKENNITMAIVSNKNGERLRSEIHHKNLTHYFDSIIGSGDTGTIKP
SPEPVLAALTNINIEPSKEVFFIGDSISDIQSAIEAGCLPIKYGSTNIIKDILSFKNFYDIRNFICQLINI
;
_entity_poly.pdbx_strand_id   A
#
# COMPACT_ATOMS: atom_id res chain seq x y z
N SER A 21 -0.21 -2.21 28.94
CA SER A 21 0.67 -3.17 28.19
C SER A 21 0.73 -2.85 26.69
N MET A 22 -0.25 -2.09 26.20
CA MET A 22 -0.17 -1.58 24.83
C MET A 22 0.52 -0.22 24.87
N LYS A 23 1.57 -0.08 24.07
CA LYS A 23 2.36 1.15 24.05
CA LYS A 23 2.35 1.15 24.06
C LYS A 23 2.22 1.85 22.71
N GLN A 24 2.56 3.14 22.69
CA GLN A 24 2.60 3.89 21.46
C GLN A 24 3.71 3.31 20.58
N PRO A 25 3.54 3.41 19.26
CA PRO A 25 4.54 2.80 18.38
C PRO A 25 5.87 3.56 18.36
N THR A 26 6.97 2.81 18.29
CA THR A 26 8.27 3.39 18.07
C THR A 26 8.51 3.76 16.60
N ALA A 27 7.78 3.11 15.68
CA ALA A 27 7.78 3.47 14.27
C ALA A 27 6.52 2.93 13.59
N VAL A 28 6.14 3.53 12.49
CA VAL A 28 4.97 3.04 11.74
C VAL A 28 5.42 2.83 10.30
N ILE A 29 5.26 1.60 9.82
CA ILE A 29 5.59 1.25 8.45
C ILE A 29 4.27 1.11 7.68
N PHE A 30 4.24 1.63 6.44
CA PHE A 30 3.07 1.58 5.57
C PHE A 30 3.37 0.85 4.30
N ASP A 31 2.42 0.08 3.80
CA ASP A 31 2.47 -0.34 2.42
C ASP A 31 1.89 0.80 1.58
N TRP A 32 2.17 0.75 0.27
CA TRP A 32 1.77 1.80 -0.64
C TRP A 32 0.43 1.42 -1.33
N TYR A 33 0.47 0.53 -2.30
CA TYR A 33 -0.72 0.21 -3.06
C TYR A 33 -1.74 -0.53 -2.17
N ASN A 34 -3.00 -0.05 -2.18
CA ASN A 34 -4.11 -0.66 -1.43
C ASN A 34 -4.04 -0.51 0.10
N THR A 35 -3.07 0.30 0.56
CA THR A 35 -2.99 0.75 1.94
C THR A 35 -3.03 2.28 1.87
N LEU A 36 -1.88 2.94 1.73
CA LEU A 36 -1.93 4.39 1.55
C LEU A 36 -2.72 4.83 0.30
N ILE A 37 -2.55 4.13 -0.81
CA ILE A 37 -3.07 4.50 -2.11
C ILE A 37 -4.26 3.63 -2.53
N ASP A 38 -5.30 4.28 -3.03
CA ASP A 38 -6.48 3.62 -3.55
C ASP A 38 -6.23 3.38 -5.03
N THR A 39 -6.06 2.12 -5.44
CA THR A 39 -5.75 1.84 -6.85
C THR A 39 -7.02 1.74 -7.75
N SER A 40 -8.17 1.98 -7.17
CA SER A 40 -9.44 1.89 -7.90
C SER A 40 -9.96 3.26 -8.36
N ILE A 41 -9.29 4.35 -7.99
CA ILE A 41 -9.76 5.67 -8.41
C ILE A 41 -8.71 6.21 -9.37
N ASN A 42 -9.16 6.53 -10.59
CA ASN A 42 -8.30 6.97 -11.67
C ASN A 42 -7.52 5.77 -12.21
N ILE A 43 -8.22 4.64 -12.35
CA ILE A 43 -7.66 3.44 -12.98
C ILE A 43 -7.11 3.82 -14.37
N ASP A 44 -5.89 3.39 -14.69
CA ASP A 44 -5.35 3.60 -16.04
CA ASP A 44 -5.35 3.60 -16.03
C ASP A 44 -5.89 2.46 -16.90
N ARG A 45 -6.69 2.82 -17.90
CA ARG A 45 -7.34 1.83 -18.76
C ARG A 45 -6.32 0.96 -19.47
N THR A 46 -5.21 1.57 -19.89
CA THR A 46 -4.17 0.83 -20.61
C THR A 46 -3.72 -0.35 -19.78
N THR A 47 -3.49 -0.10 -18.49
CA THR A 47 -3.11 -1.16 -17.57
C THR A 47 -4.17 -2.23 -17.45
N PHE A 48 -5.44 -1.82 -17.33
CA PHE A 48 -6.48 -2.84 -17.20
C PHE A 48 -6.78 -3.58 -18.51
N TYR A 49 -6.60 -2.91 -19.65
CA TYR A 49 -6.67 -3.58 -20.94
C TYR A 49 -5.66 -4.74 -21.00
N GLN A 50 -4.43 -4.49 -20.57
CA GLN A 50 -3.39 -5.55 -20.54
C GLN A 50 -3.83 -6.71 -19.65
N VAL A 51 -4.41 -6.40 -18.48
CA VAL A 51 -4.90 -7.45 -17.61
C VAL A 51 -5.99 -8.28 -18.26
N LEU A 52 -6.95 -7.61 -18.88
CA LEU A 52 -8.08 -8.28 -19.52
C LEU A 52 -7.59 -9.08 -20.70
N ASP A 53 -6.68 -8.48 -21.47
CA ASP A 53 -5.90 -9.19 -22.51
C ASP A 53 -5.26 -10.51 -22.04
N GLN A 54 -4.42 -10.42 -20.99
CA GLN A 54 -3.78 -11.60 -20.36
C GLN A 54 -4.84 -12.63 -19.99
N MET A 55 -5.99 -12.14 -19.52
CA MET A 55 -7.07 -13.01 -19.05
C MET A 55 -7.91 -13.55 -20.20
N GLY A 56 -7.55 -13.18 -21.43
CA GLY A 56 -8.19 -13.72 -22.64
C GLY A 56 -9.32 -12.86 -23.16
N TYR A 57 -9.79 -11.87 -22.40
CA TYR A 57 -10.94 -11.11 -22.84
C TYR A 57 -10.61 -10.33 -24.13
N LYS A 58 -11.58 -10.30 -25.02
CA LYS A 58 -11.71 -9.27 -26.04
C LYS A 58 -13.21 -9.11 -25.97
N ASN A 59 -13.83 -8.18 -26.67
CA ASN A 59 -13.26 -6.97 -27.19
C ASN A 59 -13.88 -5.94 -26.25
N ILE A 60 -13.22 -5.69 -25.13
CA ILE A 60 -13.77 -4.85 -24.07
C ILE A 60 -13.45 -3.38 -24.35
N ASP A 61 -14.46 -2.55 -24.42
CA ASP A 61 -14.25 -1.12 -24.61
C ASP A 61 -14.61 -0.42 -23.31
N LEU A 62 -13.60 0.13 -22.67
CA LEU A 62 -13.74 0.90 -21.45
C LEU A 62 -13.61 2.38 -21.74
N ASP A 63 -13.34 2.75 -22.99
CA ASP A 63 -12.97 4.12 -23.31
C ASP A 63 -14.12 5.10 -23.08
N SER A 64 -15.36 4.66 -23.24
CA SER A 64 -16.54 5.52 -23.04
CA SER A 64 -16.49 5.57 -23.01
C SER A 64 -17.10 5.42 -21.61
N ILE A 65 -16.51 4.58 -20.78
CA ILE A 65 -17.03 4.43 -19.44
C ILE A 65 -16.38 5.46 -18.52
N PRO A 66 -17.19 6.28 -17.86
CA PRO A 66 -16.62 7.21 -16.90
C PRO A 66 -15.70 6.52 -15.91
N ASN A 67 -14.57 7.18 -15.62
CA ASN A 67 -13.58 6.63 -14.68
C ASN A 67 -14.16 6.10 -13.38
N SER A 68 -15.13 6.82 -12.83
CA SER A 68 -15.73 6.49 -11.54
CA SER A 68 -15.68 6.45 -11.53
C SER A 68 -16.59 5.23 -11.60
N THR A 69 -17.03 4.88 -12.81
CA THR A 69 -17.87 3.71 -13.02
C THR A 69 -17.07 2.47 -13.38
N ILE A 70 -15.83 2.66 -13.83
CA ILE A 70 -14.96 1.57 -14.27
C ILE A 70 -14.92 0.41 -13.27
N PRO A 71 -14.70 0.69 -11.97
CA PRO A 71 -14.61 -0.44 -11.04
C PRO A 71 -15.87 -1.30 -10.96
N LYS A 72 -17.04 -0.67 -10.80
CA LYS A 72 -18.30 -1.44 -10.73
C LYS A 72 -18.55 -2.16 -12.03
N TYR A 73 -18.25 -1.51 -13.13
CA TYR A 73 -18.39 -2.17 -14.43
C TYR A 73 -17.51 -3.42 -14.52
N LEU A 74 -16.23 -3.30 -14.16
CA LEU A 74 -15.30 -4.44 -14.25
C LEU A 74 -15.72 -5.57 -13.29
N ILE A 75 -16.22 -5.22 -12.12
CA ILE A 75 -16.67 -6.22 -11.17
C ILE A 75 -17.75 -7.09 -11.79
N THR A 76 -18.71 -6.46 -12.48
CA THR A 76 -19.79 -7.24 -13.10
C THR A 76 -19.30 -8.04 -14.33
N LEU A 77 -18.33 -7.50 -15.05
CA LEU A 77 -17.79 -8.18 -16.25
C LEU A 77 -17.05 -9.46 -15.82
N LEU A 78 -16.21 -9.30 -14.82
CA LEU A 78 -15.26 -10.36 -14.39
C LEU A 78 -15.92 -11.47 -13.57
N GLY A 79 -16.95 -11.11 -12.80
CA GLY A 79 -17.67 -12.06 -11.95
C GLY A 79 -16.68 -12.81 -11.06
N LYS A 80 -16.72 -14.14 -11.10
CA LYS A 80 -15.81 -14.99 -10.32
C LYS A 80 -14.32 -14.67 -10.50
N ARG A 81 -13.94 -14.17 -11.68
CA ARG A 81 -12.54 -13.86 -12.00
C ARG A 81 -12.04 -12.48 -11.50
N TRP A 82 -12.85 -11.80 -10.65
CA TRP A 82 -12.53 -10.43 -10.21
C TRP A 82 -11.28 -10.41 -9.35
N LYS A 83 -11.22 -11.29 -8.35
CA LYS A 83 -10.05 -11.41 -7.49
C LYS A 83 -8.78 -11.66 -8.29
N GLU A 84 -8.83 -12.58 -9.26
CA GLU A 84 -7.68 -12.82 -10.14
C GLU A 84 -7.30 -11.53 -10.88
N ALA A 85 -8.29 -10.79 -11.39
CA ALA A 85 -8.03 -9.52 -12.04
C ALA A 85 -7.29 -8.58 -11.10
N THR A 86 -7.71 -8.49 -9.84
CA THR A 86 -7.03 -7.54 -8.91
C THR A 86 -5.57 -7.95 -8.60
N ILE A 87 -5.31 -9.24 -8.56
CA ILE A 87 -3.97 -9.76 -8.43
C ILE A 87 -3.08 -9.37 -9.61
N LEU A 88 -3.53 -9.64 -10.82
CA LEU A 88 -2.78 -9.27 -12.03
C LEU A 88 -2.55 -7.78 -12.08
N TYR A 89 -3.59 -7.02 -11.69
CA TYR A 89 -3.56 -5.58 -11.72
C TYR A 89 -2.47 -5.03 -10.77
N GLU A 90 -2.49 -5.44 -9.50
CA GLU A 90 -1.43 -5.01 -8.58
C GLU A 90 -0.05 -5.44 -9.05
N ASN A 91 0.07 -6.66 -9.54
CA ASN A 91 1.36 -7.16 -10.08
C ASN A 91 1.91 -6.23 -11.19
N SER A 92 1.01 -5.74 -12.03
CA SER A 92 1.37 -4.91 -13.18
CA SER A 92 1.39 -4.92 -13.17
C SER A 92 1.80 -3.52 -12.73
N LEU A 93 1.05 -2.96 -11.80
CA LEU A 93 1.36 -1.65 -11.21
C LEU A 93 2.71 -1.66 -10.51
N GLU A 94 3.02 -2.74 -9.80
CA GLU A 94 4.33 -2.86 -9.14
C GLU A 94 5.52 -2.81 -10.12
N LYS A 95 5.36 -3.39 -11.29
CA LYS A 95 6.42 -3.43 -12.29
C LYS A 95 6.42 -2.26 -13.29
N SER A 96 5.44 -1.38 -13.20
CA SER A 96 5.22 -0.37 -14.24
CA SER A 96 5.22 -0.38 -14.24
C SER A 96 6.33 0.65 -14.34
N GLN A 97 6.58 1.09 -15.57
CA GLN A 97 7.45 2.22 -15.84
C GLN A 97 6.58 3.46 -15.97
N LYS A 98 5.26 3.29 -16.00
CA LYS A 98 4.34 4.40 -16.24
C LYS A 98 4.06 5.11 -14.92
N SER A 99 3.72 6.38 -15.02
CA SER A 99 3.33 7.17 -13.88
C SER A 99 1.89 6.83 -13.48
N ASP A 100 1.61 6.80 -12.17
CA ASP A 100 0.25 6.67 -11.63
C ASP A 100 -0.42 8.03 -11.48
N ASN A 101 -1.74 8.06 -11.41
CA ASN A 101 -2.50 9.28 -11.07
C ASN A 101 -3.42 8.99 -9.87
N PHE A 102 -3.02 8.04 -9.03
CA PHE A 102 -3.89 7.55 -7.95
C PHE A 102 -3.99 8.55 -6.83
N MET A 103 -5.10 8.46 -6.13
CA MET A 103 -5.31 9.28 -4.96
CA MET A 103 -5.37 9.28 -4.94
C MET A 103 -5.04 8.42 -3.73
N LEU A 104 -4.65 9.07 -2.66
CA LEU A 104 -4.54 8.43 -1.37
C LEU A 104 -5.92 8.03 -0.84
N ASN A 105 -5.95 6.98 -0.04
CA ASN A 105 -7.15 6.62 0.65
C ASN A 105 -7.52 7.68 1.67
N ASP A 106 -8.80 7.73 2.00
CA ASP A 106 -9.33 8.71 2.97
C ASP A 106 -8.59 8.64 4.30
N GLY A 107 -8.24 9.80 4.84
CA GLY A 107 -7.60 9.87 6.15
C GLY A 107 -6.10 9.66 6.17
N ALA A 108 -5.50 9.25 5.03
CA ALA A 108 -4.08 8.90 4.99
C ALA A 108 -3.19 10.08 5.34
N ILE A 109 -3.39 11.22 4.65
CA ILE A 109 -2.58 12.41 4.95
C ILE A 109 -2.72 12.87 6.41
N GLU A 110 -3.96 12.88 6.92
CA GLU A 110 -4.16 13.25 8.34
C GLU A 110 -3.38 12.36 9.29
N LEU A 111 -3.33 11.06 9.00
CA LEU A 111 -2.55 10.14 9.81
C LEU A 111 -1.04 10.36 9.69
N LEU A 112 -0.53 10.49 8.47
CA LEU A 112 0.88 10.79 8.31
C LEU A 112 1.25 12.05 9.07
N ASP A 113 0.41 13.08 8.94
CA ASP A 113 0.74 14.35 9.54
C ASP A 113 0.68 14.29 11.07
N THR A 114 -0.27 13.56 11.61
CA THR A 114 -0.34 13.31 13.05
C THR A 114 0.92 12.59 13.53
N LEU A 115 1.34 11.55 12.82
CA LEU A 115 2.54 10.83 13.22
C LEU A 115 3.78 11.74 13.18
N LYS A 116 3.88 12.56 12.15
CA LYS A 116 5.03 13.45 11.99
C LYS A 116 5.03 14.47 13.12
N GLU A 117 3.87 15.06 13.38
CA GLU A 117 3.79 16.07 14.47
C GLU A 117 4.13 15.51 15.85
N ASN A 118 3.89 14.22 16.05
CA ASN A 118 4.18 13.55 17.28
C ASN A 118 5.59 12.94 17.29
N ASN A 119 6.32 13.13 16.19
CA ASN A 119 7.72 12.69 16.09
C ASN A 119 7.84 11.14 16.07
N ILE A 120 6.89 10.48 15.41
CA ILE A 120 6.89 9.05 15.29
C ILE A 120 7.43 8.76 13.89
N THR A 121 8.55 8.07 13.81
CA THR A 121 9.23 7.82 12.54
C THR A 121 8.41 6.89 11.68
N MET A 122 8.43 7.14 10.38
CA MET A 122 7.65 6.36 9.42
C MET A 122 8.51 5.86 8.29
N ALA A 123 8.04 4.76 7.74
CA ALA A 123 8.66 4.20 6.54
C ALA A 123 7.63 3.59 5.62
N ILE A 124 8.02 3.39 4.36
CA ILE A 124 7.22 2.60 3.40
C ILE A 124 7.99 1.33 3.04
N VAL A 125 7.26 0.23 3.05
CA VAL A 125 7.76 -1.05 2.53
C VAL A 125 6.74 -1.65 1.55
N SER A 126 7.15 -1.73 0.28
CA SER A 126 6.32 -2.05 -0.86
C SER A 126 7.05 -3.00 -1.81
N ASN A 127 6.29 -3.84 -2.53
CA ASN A 127 6.84 -4.63 -3.62
C ASN A 127 6.86 -3.90 -4.98
N LYS A 128 6.37 -2.68 -5.02
CA LYS A 128 6.58 -1.85 -6.19
C LYS A 128 8.07 -1.58 -6.40
N ASN A 129 8.49 -1.50 -7.66
CA ASN A 129 9.88 -1.13 -7.96
C ASN A 129 10.30 0.10 -7.17
N GLY A 130 11.42 0.02 -6.47
CA GLY A 130 11.85 1.10 -5.59
C GLY A 130 11.99 2.46 -6.22
N GLU A 131 12.57 2.51 -7.42
CA GLU A 131 12.78 3.80 -8.07
C GLU A 131 11.49 4.45 -8.46
N ARG A 132 10.55 3.68 -9.02
CA ARG A 132 9.26 4.26 -9.44
C ARG A 132 8.43 4.57 -8.20
N LEU A 133 8.51 3.70 -7.19
CA LEU A 133 7.86 3.97 -5.89
C LEU A 133 8.27 5.32 -5.29
N ARG A 134 9.58 5.58 -5.24
CA ARG A 134 10.06 6.87 -4.74
C ARG A 134 9.64 8.05 -5.58
N SER A 135 9.57 7.87 -6.91
CA SER A 135 9.10 8.93 -7.79
C SER A 135 7.63 9.24 -7.53
N GLU A 136 6.79 8.21 -7.35
CA GLU A 136 5.37 8.44 -7.09
C GLU A 136 5.15 9.12 -5.78
N ILE A 137 5.95 8.74 -4.77
CA ILE A 137 5.82 9.33 -3.44
C ILE A 137 6.20 10.81 -3.49
N HIS A 138 7.27 11.12 -4.23
CA HIS A 138 7.71 12.51 -4.40
C HIS A 138 6.74 13.31 -5.27
N HIS A 139 6.15 12.67 -6.29
CA HIS A 139 5.11 13.34 -7.10
C HIS A 139 3.93 13.80 -6.22
N LYS A 140 3.61 13.05 -5.18
CA LYS A 140 2.54 13.46 -4.26
C LYS A 140 3.01 14.33 -3.09
N ASN A 141 4.25 14.82 -3.15
CA ASN A 141 4.84 15.63 -2.09
C ASN A 141 4.81 14.95 -0.70
N LEU A 142 5.09 13.65 -0.65
CA LEU A 142 5.01 12.91 0.60
C LEU A 142 6.37 12.41 1.09
N THR A 143 7.43 12.69 0.33
CA THR A 143 8.78 12.20 0.68
C THR A 143 9.19 12.59 2.09
N HIS A 144 8.88 13.82 2.49
CA HIS A 144 9.28 14.36 3.78
C HIS A 144 8.72 13.58 4.98
N TYR A 145 7.62 12.86 4.77
CA TYR A 145 7.06 12.06 5.84
C TYR A 145 7.89 10.82 6.21
N PHE A 146 8.68 10.30 5.28
CA PHE A 146 9.23 8.94 5.41
C PHE A 146 10.71 8.93 5.55
N ASP A 147 11.19 8.28 6.60
CA ASP A 147 12.62 8.22 6.83
C ASP A 147 13.31 7.08 6.09
N SER A 148 12.53 6.19 5.50
CA SER A 148 13.06 5.13 4.64
C SER A 148 11.96 4.70 3.70
N ILE A 149 12.29 4.48 2.42
CA ILE A 149 11.32 3.98 1.48
C ILE A 149 12.00 2.82 0.77
N ILE A 150 11.47 1.61 1.01
CA ILE A 150 11.98 0.34 0.47
C ILE A 150 10.95 -0.26 -0.54
N GLY A 151 11.40 -0.53 -1.75
CA GLY A 151 10.63 -1.19 -2.79
C GLY A 151 11.35 -2.43 -3.27
N SER A 152 10.78 -3.11 -4.25
CA SER A 152 11.51 -4.23 -4.85
C SER A 152 12.75 -3.70 -5.58
N GLY A 153 13.81 -4.51 -5.59
CA GLY A 153 15.12 -4.13 -6.16
C GLY A 153 16.00 -3.42 -5.15
N ASP A 154 15.44 -3.07 -3.99
CA ASP A 154 16.24 -2.41 -2.95
C ASP A 154 16.91 -3.41 -2.00
N THR A 155 16.35 -4.60 -1.92
CA THR A 155 16.96 -5.68 -1.15
C THR A 155 17.11 -6.92 -2.02
N GLY A 156 17.62 -8.00 -1.45
CA GLY A 156 17.63 -9.26 -2.18
C GLY A 156 16.34 -10.03 -2.28
N THR A 157 15.30 -9.60 -1.56
CA THR A 157 14.02 -10.31 -1.58
C THR A 157 12.84 -9.32 -1.55
N ILE A 158 11.64 -9.86 -1.59
CA ILE A 158 10.40 -9.05 -1.52
C ILE A 158 9.50 -9.65 -0.45
N LYS A 159 8.47 -8.93 -0.03
CA LYS A 159 7.48 -9.46 0.91
C LYS A 159 6.88 -10.65 0.22
N PRO A 160 6.57 -11.72 0.99
CA PRO A 160 6.48 -11.82 2.46
C PRO A 160 7.79 -12.05 3.25
N SER A 161 8.93 -12.01 2.59
CA SER A 161 10.19 -12.07 3.31
C SER A 161 10.20 -10.91 4.31
N PRO A 162 10.79 -11.13 5.48
CA PRO A 162 11.00 -10.04 6.43
C PRO A 162 12.08 -9.04 6.03
N GLU A 163 12.96 -9.43 5.11
CA GLU A 163 14.12 -8.62 4.76
C GLU A 163 13.82 -7.15 4.41
N PRO A 164 12.79 -6.87 3.58
CA PRO A 164 12.48 -5.47 3.28
C PRO A 164 12.06 -4.64 4.49
N VAL A 165 11.35 -5.27 5.44
CA VAL A 165 10.96 -4.61 6.67
C VAL A 165 12.19 -4.34 7.51
N LEU A 166 13.06 -5.33 7.66
CA LEU A 166 14.24 -5.18 8.44
C LEU A 166 15.17 -4.12 7.83
N ALA A 167 15.16 -4.00 6.50
CA ALA A 167 15.94 -2.99 5.82
C ALA A 167 15.47 -1.59 6.17
N ALA A 168 14.15 -1.34 6.12
CA ALA A 168 13.61 -0.05 6.53
C ALA A 168 14.00 0.30 7.96
N LEU A 169 13.91 -0.70 8.84
CA LEU A 169 14.20 -0.46 10.28
C LEU A 169 15.69 -0.19 10.52
N THR A 170 16.56 -0.89 9.77
CA THR A 170 17.98 -0.57 9.78
C THR A 170 18.20 0.91 9.36
N ASN A 171 17.51 1.34 8.30
CA ASN A 171 17.74 2.68 7.74
C ASN A 171 17.14 3.79 8.59
N ILE A 172 16.07 3.52 9.34
CA ILE A 172 15.50 4.51 10.27
C ILE A 172 16.07 4.38 11.71
N ASN A 173 16.99 3.43 11.91
CA ASN A 173 17.62 3.19 13.21
C ASN A 173 16.66 2.87 14.36
N ILE A 174 15.70 1.97 14.13
CA ILE A 174 14.75 1.53 15.14
C ILE A 174 14.81 -0.01 15.19
N GLU A 175 14.88 -0.59 16.39
CA GLU A 175 14.98 -2.05 16.55
C GLU A 175 13.60 -2.65 16.21
N PRO A 176 13.58 -3.85 15.58
CA PRO A 176 12.30 -4.55 15.41
C PRO A 176 11.68 -4.93 16.75
N SER A 177 10.38 -4.70 16.90
CA SER A 177 9.67 -5.08 18.12
C SER A 177 8.20 -4.97 17.85
N LYS A 178 7.40 -5.36 18.83
CA LYS A 178 5.96 -5.26 18.71
C LYS A 178 5.47 -3.82 18.86
N GLU A 179 6.37 -2.88 19.10
CA GLU A 179 6.02 -1.45 19.01
C GLU A 179 6.23 -0.84 17.62
N VAL A 180 6.81 -1.60 16.71
CA VAL A 180 6.83 -1.23 15.32
C VAL A 180 5.53 -1.73 14.68
N PHE A 181 4.69 -0.81 14.22
CA PHE A 181 3.41 -1.17 13.57
C PHE A 181 3.60 -1.22 12.06
N PHE A 182 3.26 -2.34 11.43
CA PHE A 182 3.28 -2.43 9.98
C PHE A 182 1.83 -2.46 9.50
N ILE A 183 1.37 -1.30 9.00
CA ILE A 183 0.04 -1.14 8.43
C ILE A 183 0.03 -1.55 6.97
N GLY A 184 -0.71 -2.61 6.69
CA GLY A 184 -0.77 -3.21 5.38
C GLY A 184 -2.06 -3.94 5.15
N ASP A 185 -2.41 -4.07 3.89
CA ASP A 185 -3.67 -4.69 3.49
C ASP A 185 -3.58 -6.18 3.21
N SER A 186 -2.38 -6.65 2.89
CA SER A 186 -2.22 -7.99 2.33
C SER A 186 -1.70 -9.00 3.34
N ILE A 187 -1.95 -10.28 3.02
CA ILE A 187 -1.33 -11.36 3.77
C ILE A 187 0.19 -11.29 3.74
N SER A 188 0.79 -10.98 2.58
CA SER A 188 2.23 -10.86 2.54
C SER A 188 2.73 -9.75 3.49
N ASP A 189 1.97 -8.65 3.62
CA ASP A 189 2.37 -7.62 4.58
C ASP A 189 2.35 -8.15 6.01
N ILE A 190 1.28 -8.85 6.35
CA ILE A 190 1.11 -9.42 7.68
C ILE A 190 2.21 -10.42 7.97
N GLN A 191 2.48 -11.32 7.04
CA GLN A 191 3.50 -12.33 7.22
C GLN A 191 4.92 -11.69 7.35
N SER A 192 5.22 -10.70 6.51
CA SER A 192 6.50 -10.02 6.57
C SER A 192 6.68 -9.38 7.95
N ALA A 193 5.63 -8.74 8.43
CA ALA A 193 5.67 -8.09 9.75
C ALA A 193 5.98 -9.09 10.85
N ILE A 194 5.22 -10.20 10.86
CA ILE A 194 5.39 -11.26 11.88
C ILE A 194 6.78 -11.88 11.82
N GLU A 195 7.27 -12.18 10.60
CA GLU A 195 8.61 -12.80 10.40
CA GLU A 195 8.59 -12.81 10.49
C GLU A 195 9.70 -11.82 10.84
N ALA A 196 9.42 -10.52 10.74
CA ALA A 196 10.34 -9.47 11.16
C ALA A 196 10.30 -9.13 12.66
N GLY A 197 9.35 -9.71 13.39
CA GLY A 197 9.23 -9.44 14.83
C GLY A 197 8.45 -8.19 15.17
N CYS A 198 7.65 -7.72 14.21
CA CYS A 198 6.92 -6.47 14.30
C CYS A 198 5.41 -6.73 14.40
N LEU A 199 4.62 -5.70 14.66
CA LEU A 199 3.20 -5.86 14.87
C LEU A 199 2.48 -5.52 13.57
N PRO A 200 1.81 -6.52 12.99
CA PRO A 200 0.95 -6.22 11.87
C PRO A 200 -0.33 -5.53 12.29
N ILE A 201 -0.75 -4.54 11.52
CA ILE A 201 -2.12 -3.99 11.59
C ILE A 201 -2.73 -4.12 10.18
N LYS A 202 -3.80 -4.92 10.05
CA LYS A 202 -4.46 -5.11 8.75
C LYS A 202 -5.35 -3.93 8.45
N TYR A 203 -5.14 -3.36 7.26
CA TYR A 203 -5.95 -2.27 6.74
C TYR A 203 -6.90 -2.81 5.67
N GLY A 204 -8.14 -2.40 5.72
CA GLY A 204 -9.05 -2.63 4.59
C GLY A 204 -9.97 -3.78 4.87
N SER A 205 -10.26 -4.57 3.83
CA SER A 205 -10.97 -5.87 4.01
C SER A 205 -10.20 -7.00 3.34
N ASP A 211 -7.00 -12.88 14.87
CA ASP A 211 -5.78 -12.86 15.68
C ASP A 211 -4.98 -11.55 15.53
N ILE A 212 -5.40 -10.65 14.65
CA ILE A 212 -4.57 -9.51 14.26
C ILE A 212 -5.40 -8.23 14.32
N LEU A 213 -4.80 -7.16 14.82
CA LEU A 213 -5.47 -5.85 14.84
C LEU A 213 -5.88 -5.52 13.42
N SER A 214 -7.13 -5.06 13.25
CA SER A 214 -7.69 -4.75 11.93
C SER A 214 -8.50 -3.47 12.00
N PHE A 215 -8.31 -2.61 11.01
CA PHE A 215 -9.09 -1.39 10.86
C PHE A 215 -9.47 -1.21 9.39
N LYS A 216 -10.62 -0.57 9.16
CA LYS A 216 -11.18 -0.41 7.84
C LYS A 216 -10.79 0.95 7.20
N ASN A 217 -10.33 1.88 8.00
CA ASN A 217 -9.97 3.19 7.47
C ASN A 217 -8.93 3.88 8.33
N PHE A 218 -8.30 4.90 7.76
CA PHE A 218 -7.20 5.58 8.44
C PHE A 218 -7.65 6.52 9.54
N TYR A 219 -8.91 6.91 9.56
CA TYR A 219 -9.41 7.76 10.67
C TYR A 219 -9.40 6.96 12.00
N ASP A 220 -9.86 5.72 11.95
CA ASP A 220 -9.87 4.85 13.11
C ASP A 220 -8.47 4.50 13.56
N ILE A 221 -7.54 4.32 12.61
CA ILE A 221 -6.17 4.00 12.97
C ILE A 221 -5.54 5.22 13.64
N ARG A 222 -5.79 6.41 13.10
CA ARG A 222 -5.29 7.65 13.71
C ARG A 222 -5.82 7.83 15.15
N ASN A 223 -7.11 7.65 15.34
CA ASN A 223 -7.68 7.69 16.69
C ASN A 223 -7.02 6.70 17.66
N PHE A 224 -6.79 5.48 17.18
CA PHE A 224 -6.15 4.44 17.96
C PHE A 224 -4.74 4.83 18.36
N ILE A 225 -3.96 5.35 17.42
CA ILE A 225 -2.59 5.73 17.75
C ILE A 225 -2.55 6.97 18.66
N CYS A 226 -3.42 7.94 18.40
CA CYS A 226 -3.52 9.08 19.32
C CYS A 226 -3.90 8.65 20.73
N GLN A 227 -4.78 7.67 20.83
CA GLN A 227 -5.19 7.18 22.14
C GLN A 227 -3.99 6.52 22.85
N LEU A 228 -3.14 5.81 22.11
CA LEU A 228 -1.93 5.22 22.66
C LEU A 228 -0.90 6.27 23.08
N ILE A 229 -0.80 7.36 22.33
CA ILE A 229 0.18 8.41 22.62
C ILE A 229 -0.22 9.20 23.87
N ASN A 230 -1.51 9.44 24.01
CA ASN A 230 -2.05 10.19 25.14
C ASN A 230 -2.80 9.25 26.10
#